data_3L3N
#
_entry.id   3L3N
#
_cell.length_a   56.383
_cell.length_b   84.789
_cell.length_c   133.958
_cell.angle_alpha   90.000
_cell.angle_beta   90.000
_cell.angle_gamma   90.000
#
_symmetry.space_group_name_H-M   'P 21 21 21'
#
loop_
_entity.id
_entity.type
_entity.pdbx_description
1 polymer 'Angiotensin-converting enzyme'
2 branched 2-acetamido-2-deoxy-beta-D-glucopyranose-(1-4)-[alpha-L-fucopyranose-(1-6)]2-acetamido-2-deoxy-beta-D-glucopyranose
3 non-polymer 'ZINC ION'
4 non-polymer 'CHLORIDE ION'
5 non-polymer N~2~-[(1S)-1-carboxy-3-phenylpropyl]-L-lysyl-L-tryptophan
6 water water
#
_entity_poly.entity_id   1
_entity_poly.type   'polypeptide(L)'
_entity_poly.pdbx_seq_one_letter_code
;LVTDEAEASKFVEEYDRTSQVVWNEYAGANWNYNTNITTETSKILLQKNMQIAQHTLKYGTQARKFDVNQLQNTTIKRII
KKVQDLERAALPAQELEEYNKILLDMETTYSVATVCHPQGSCLQLEPDLTNVMATSRKYEDLLWAWEGWRDKAGRAILQF
YPKYVELINQAARLNGYVDAGDSWRSMYETPSLEQDLERLFQELQPLYLNLHAYVRRALHRHYGAQHINLEGPIPAHLLG
NMWAQTWSNIYDLVVPFPSAPSMDTTEAMLKQGWTPRRMFKEADDFFTSLGLLPVPPEFWQKSMLEKPTDGREVVCHASA
WDFYNGKDFRIKQCTTVNLEDLVVAHHEMGHIQYFMQYKDLPVALREGANPGFHEAIGDVLALSVSTPKHLHSLNLLSSE
GGSDEHDINFLMKMALDKIAFIPFSYLVDQWRWRVFDGSITKENYNQEWWSLRLKYQGLCPPVPRTQGDFDPGAKFHIPS
SVPYIRYFVSFIIQFQFHEALCQAAGHTGPLHKCDIYQSKEAGQRLATAMKLGFSRPWPEAMQLITGQPQMSASAMLSYF
KPLLDWLRTENELHGEKLGWPQYNWTPNSAR
;
_entity_poly.pdbx_strand_id   A
#
loop_
_chem_comp.id
_chem_comp.type
_chem_comp.name
_chem_comp.formula
CL non-polymer 'CHLORIDE ION' 'Cl -1'
FUC L-saccharide, alpha linking alpha-L-fucopyranose 'C6 H12 O5'
LSW non-polymer N~2~-[(1S)-1-carboxy-3-phenylpropyl]-L-lysyl-L-tryptophan 'C27 H34 N4 O5'
NAG D-saccharide, beta linking 2-acetamido-2-deoxy-beta-D-glucopyranose 'C8 H15 N O6'
ZN non-polymer 'ZINC ION' 'Zn 2'
#
# COMPACT_ATOMS: atom_id res chain seq x y z
N ASP A 4 -4.46 40.33 11.79
CA ASP A 4 -4.30 39.25 10.82
C ASP A 4 -3.46 38.07 11.38
N GLU A 5 -2.19 38.34 11.72
CA GLU A 5 -1.26 37.33 12.24
C GLU A 5 -1.55 36.78 13.64
N ALA A 6 -2.11 37.63 14.50
CA ALA A 6 -2.45 37.23 15.86
C ALA A 6 -3.68 36.34 15.84
N GLU A 7 -4.65 36.71 15.00
CA GLU A 7 -5.89 35.93 14.88
C GLU A 7 -5.58 34.56 14.29
N ALA A 8 -4.64 34.51 13.34
CA ALA A 8 -4.25 33.26 12.68
C ALA A 8 -3.64 32.27 13.66
N SER A 9 -2.72 32.75 14.49
CA SER A 9 -2.05 31.93 15.48
C SER A 9 -3.04 31.35 16.49
N LYS A 10 -3.95 32.20 16.98
CA LYS A 10 -4.98 31.77 17.93
C LYS A 10 -5.91 30.74 17.28
N PHE A 11 -6.34 30.97 16.04
CA PHE A 11 -7.20 30.01 15.33
C PHE A 11 -6.56 28.62 15.17
N VAL A 12 -5.26 28.61 14.94
CA VAL A 12 -4.53 27.36 14.77
C VAL A 12 -4.42 26.61 16.11
N GLU A 13 -4.23 27.36 17.19
CA GLU A 13 -4.17 26.74 18.52
C GLU A 13 -5.56 26.17 18.86
N GLU A 14 -6.61 26.90 18.53
CA GLU A 14 -7.98 26.42 18.80
C GLU A 14 -8.35 25.22 17.91
N TYR A 15 -7.95 25.29 16.66
CA TYR A 15 -8.25 24.21 15.72
C TYR A 15 -7.57 22.92 16.21
N ASP A 16 -6.31 23.04 16.63
CA ASP A 16 -5.57 21.87 17.07
C ASP A 16 -6.10 21.17 18.31
N ARG A 17 -6.43 21.93 19.35
CA ARG A 17 -6.91 21.27 20.56
C ARG A 17 -8.30 20.70 20.37
N THR A 18 -9.19 21.38 19.66
CA THR A 18 -10.52 20.82 19.47
C THR A 18 -10.45 19.61 18.55
N SER A 19 -9.58 19.66 17.54
CA SER A 19 -9.42 18.54 16.57
C SER A 19 -8.89 17.28 17.25
N GLN A 20 -7.95 17.47 18.17
CA GLN A 20 -7.41 16.34 18.88
C GLN A 20 -8.56 15.55 19.53
N VAL A 21 -9.44 16.21 20.27
CA VAL A 21 -10.58 15.57 20.94
C VAL A 21 -11.58 14.91 19.96
N VAL A 22 -11.99 15.67 18.94
CA VAL A 22 -12.95 15.15 17.98
C VAL A 22 -12.39 14.00 17.12
N TRP A 23 -11.12 14.12 16.69
CA TRP A 23 -10.51 13.07 15.89
C TRP A 23 -10.29 11.81 16.72
N ASN A 24 -9.96 11.96 17.99
CA ASN A 24 -9.75 10.82 18.86
C ASN A 24 -11.06 10.06 19.02
N GLU A 25 -12.14 10.81 19.20
CA GLU A 25 -13.45 10.19 19.37
C GLU A 25 -13.89 9.46 18.10
N TYR A 26 -13.59 10.02 16.93
CA TYR A 26 -13.98 9.41 15.66
C TYR A 26 -13.20 8.14 15.34
N ALA A 27 -11.89 8.23 15.52
CA ALA A 27 -11.02 7.08 15.26
C ALA A 27 -11.52 5.88 16.06
N GLY A 28 -11.94 6.13 17.30
CA GLY A 28 -12.43 5.07 18.16
C GLY A 28 -13.62 4.36 17.56
N ALA A 29 -14.67 5.12 17.26
CA ALA A 29 -15.86 4.55 16.67
C ALA A 29 -15.52 3.79 15.38
N ASN A 30 -14.59 4.37 14.63
CA ASN A 30 -14.19 3.76 13.37
C ASN A 30 -13.48 2.45 13.67
N TRP A 31 -12.56 2.49 14.64
CA TRP A 31 -11.82 1.30 15.03
C TRP A 31 -12.79 0.20 15.50
N ASN A 32 -13.76 0.63 16.30
CA ASN A 32 -14.77 -0.26 16.85
C ASN A 32 -15.55 -1.02 15.79
N TYR A 33 -15.86 -0.32 14.70
CA TYR A 33 -16.58 -0.95 13.60
C TYR A 33 -15.64 -1.86 12.81
N ASN A 34 -14.42 -1.37 12.50
CA ASN A 34 -13.43 -2.18 11.77
C ASN A 34 -13.05 -3.51 12.45
N THR A 35 -13.13 -3.52 13.78
CA THR A 35 -12.76 -4.71 14.51
C THR A 35 -13.97 -5.44 15.07
N ASN A 36 -15.16 -5.02 14.63
CA ASN A 36 -16.41 -5.62 15.12
C ASN A 36 -17.58 -5.15 14.25
N ILE A 37 -17.65 -5.67 13.02
CA ILE A 37 -18.68 -5.28 12.08
C ILE A 37 -20.11 -5.71 12.46
N THR A 38 -20.87 -4.78 13.05
CA THR A 38 -22.25 -5.04 13.44
C THR A 38 -23.13 -3.84 13.06
N THR A 39 -24.42 -3.99 13.24
CA THR A 39 -25.35 -2.92 12.94
C THR A 39 -25.16 -1.78 13.95
N GLU A 40 -24.91 -2.15 15.20
CA GLU A 40 -24.71 -1.13 16.24
C GLU A 40 -23.44 -0.30 16.03
N THR A 41 -22.30 -0.95 15.77
CA THR A 41 -21.07 -0.20 15.55
C THR A 41 -21.14 0.63 14.25
N SER A 42 -21.98 0.19 13.33
CA SER A 42 -22.17 0.92 12.06
C SER A 42 -22.92 2.20 12.36
N LYS A 43 -23.99 2.07 13.14
CA LYS A 43 -24.80 3.23 13.50
C LYS A 43 -23.98 4.27 14.24
N ILE A 44 -23.21 3.83 15.23
CA ILE A 44 -22.38 4.73 16.03
C ILE A 44 -21.33 5.41 15.18
N LEU A 45 -20.76 4.69 14.21
CA LEU A 45 -19.75 5.28 13.33
C LEU A 45 -20.38 6.35 12.44
N LEU A 46 -21.49 6.01 11.79
CA LEU A 46 -22.16 6.99 10.92
C LEU A 46 -22.55 8.25 11.70
N GLN A 47 -22.81 8.11 12.99
CA GLN A 47 -23.17 9.27 13.80
C GLN A 47 -21.92 10.12 14.04
N LYS A 48 -20.79 9.47 14.34
CA LYS A 48 -19.54 10.18 14.60
C LYS A 48 -19.06 10.92 13.33
N ASN A 49 -19.44 10.38 12.17
CA ASN A 49 -19.10 10.98 10.89
C ASN A 49 -19.72 12.36 10.87
N MET A 50 -20.97 12.44 11.31
CA MET A 50 -21.69 13.71 11.34
C MET A 50 -21.02 14.66 12.29
N GLN A 51 -20.61 14.13 13.43
CA GLN A 51 -19.96 14.95 14.44
C GLN A 51 -18.73 15.62 13.85
N ILE A 52 -17.76 14.80 13.51
CA ILE A 52 -16.49 15.30 12.97
C ILE A 52 -16.69 16.26 11.80
N ALA A 53 -17.76 16.07 11.03
CA ALA A 53 -18.09 16.96 9.92
C ALA A 53 -18.52 18.33 10.47
N GLN A 54 -19.23 18.34 11.59
CA GLN A 54 -19.66 19.62 12.16
C GLN A 54 -18.41 20.39 12.52
N HIS A 55 -17.45 19.70 13.17
CA HIS A 55 -16.21 20.33 13.60
C HIS A 55 -15.43 20.82 12.41
N THR A 56 -15.39 19.99 11.37
CA THR A 56 -14.67 20.35 10.16
C THR A 56 -15.30 21.57 9.48
N LEU A 57 -16.63 21.62 9.43
CA LEU A 57 -17.33 22.75 8.83
C LEU A 57 -17.07 24.03 9.63
N LYS A 58 -17.18 23.94 10.95
CA LYS A 58 -16.96 25.10 11.82
C LYS A 58 -15.61 25.76 11.57
N TYR A 59 -14.54 24.98 11.71
CA TYR A 59 -13.21 25.52 11.54
C TYR A 59 -12.82 25.77 10.08
N GLY A 60 -13.33 24.95 9.18
CA GLY A 60 -13.04 25.11 7.76
C GLY A 60 -13.63 26.40 7.22
N THR A 61 -14.86 26.72 7.64
CA THR A 61 -15.51 27.96 7.22
C THR A 61 -14.70 29.14 7.76
N GLN A 62 -14.21 29.01 8.98
CA GLN A 62 -13.41 30.02 9.66
C GLN A 62 -12.07 30.20 8.93
N ALA A 63 -11.42 29.09 8.61
CA ALA A 63 -10.12 29.10 7.93
C ALA A 63 -10.14 29.81 6.58
N ARG A 64 -11.26 29.70 5.87
CA ARG A 64 -11.41 30.31 4.56
C ARG A 64 -11.56 31.82 4.59
N LYS A 65 -11.70 32.37 5.79
CA LYS A 65 -11.85 33.81 5.95
C LYS A 65 -10.49 34.48 6.01
N PHE A 66 -9.43 33.67 6.16
CA PHE A 66 -8.05 34.21 6.20
C PHE A 66 -7.41 34.30 4.82
N ASP A 67 -6.95 35.48 4.39
CA ASP A 67 -6.24 35.49 3.12
C ASP A 67 -4.93 34.81 3.41
N VAL A 68 -4.74 33.65 2.82
CA VAL A 68 -3.55 32.84 3.13
C VAL A 68 -2.23 33.23 2.51
N ASN A 69 -2.18 34.30 1.75
CA ASN A 69 -0.88 34.63 1.19
C ASN A 69 -0.52 35.95 1.80
N GLN A 70 -1.35 36.42 2.71
CA GLN A 70 -1.13 37.64 3.44
C GLN A 70 -0.53 37.38 4.86
N LEU A 71 -0.19 36.11 5.12
CA LEU A 71 0.39 35.76 6.41
C LEU A 71 1.92 35.65 6.33
N GLN A 72 2.58 36.03 7.41
CA GLN A 72 4.06 35.96 7.45
C GLN A 72 4.59 34.57 7.82
N ASN A 73 4.13 34.06 8.97
CA ASN A 73 4.63 32.75 9.42
C ASN A 73 4.28 31.65 8.45
N THR A 74 5.32 30.90 8.05
CA THR A 74 5.14 29.77 7.15
C THR A 74 4.32 28.64 7.75
N THR A 75 4.73 28.16 8.92
CA THR A 75 4.00 27.04 9.50
C THR A 75 2.50 27.33 9.64
N ILE A 76 2.15 28.47 10.20
CA ILE A 76 0.74 28.82 10.40
C ILE A 76 -0.03 28.89 9.08
N LYS A 77 0.57 29.56 8.12
CA LYS A 77 0.00 29.73 6.79
C LYS A 77 -0.17 28.36 6.18
N ARG A 78 0.73 27.43 6.49
CA ARG A 78 0.59 26.07 5.93
C ARG A 78 -0.66 25.39 6.52
N ILE A 79 -0.81 25.46 7.85
CA ILE A 79 -1.95 24.84 8.50
C ILE A 79 -3.33 25.32 8.06
N ILE A 80 -3.49 26.63 8.04
CA ILE A 80 -4.74 27.25 7.65
C ILE A 80 -5.16 26.88 6.21
N LYS A 81 -4.18 26.80 5.31
CA LYS A 81 -4.46 26.39 3.94
C LYS A 81 -5.08 24.97 3.95
N LYS A 82 -4.52 24.05 4.73
CA LYS A 82 -5.08 22.71 4.86
C LYS A 82 -6.49 22.65 5.47
N VAL A 83 -6.73 23.43 6.53
CA VAL A 83 -8.04 23.46 7.20
C VAL A 83 -9.16 23.98 6.27
N GLN A 84 -8.79 24.81 5.29
CA GLN A 84 -9.75 25.34 4.32
C GLN A 84 -10.33 24.20 3.46
N ASP A 85 -9.64 23.07 3.42
CA ASP A 85 -10.11 21.91 2.66
C ASP A 85 -10.97 21.07 3.60
N LEU A 86 -12.27 21.10 3.38
CA LEU A 86 -13.22 20.40 4.25
C LEU A 86 -13.35 18.93 3.90
N GLU A 87 -12.79 18.55 2.75
CA GLU A 87 -12.88 17.20 2.21
C GLU A 87 -14.37 16.83 2.13
N ARG A 88 -14.80 15.67 2.58
CA ARG A 88 -16.23 15.36 2.43
C ARG A 88 -17.19 16.32 3.15
N ALA A 89 -16.74 16.93 4.24
CA ALA A 89 -17.62 17.80 5.03
C ALA A 89 -18.12 19.01 4.24
N ALA A 90 -17.65 19.16 2.99
CA ALA A 90 -18.09 20.26 2.15
C ALA A 90 -19.44 19.91 1.53
N LEU A 91 -19.80 18.62 1.51
CA LEU A 91 -21.07 18.19 0.96
C LEU A 91 -22.25 18.63 1.81
N PRO A 92 -23.38 18.98 1.16
CA PRO A 92 -24.58 19.38 1.88
C PRO A 92 -24.97 18.16 2.72
N ALA A 93 -25.64 18.39 3.85
CA ALA A 93 -26.02 17.31 4.77
C ALA A 93 -26.56 16.02 4.13
N GLN A 94 -27.57 16.19 3.28
CA GLN A 94 -28.21 15.06 2.62
C GLN A 94 -27.17 14.26 1.87
N GLU A 95 -26.48 14.90 0.92
CA GLU A 95 -25.44 14.21 0.15
C GLU A 95 -24.35 13.68 1.09
N LEU A 96 -24.04 14.42 2.15
CA LEU A 96 -23.01 13.98 3.09
C LEU A 96 -23.33 12.60 3.65
N GLU A 97 -24.52 12.45 4.25
CA GLU A 97 -24.90 11.16 4.80
C GLU A 97 -24.90 10.10 3.70
N GLU A 98 -25.53 10.36 2.56
CA GLU A 98 -25.53 9.36 1.48
C GLU A 98 -24.12 8.82 1.18
N TYR A 99 -23.15 9.73 1.10
CA TYR A 99 -21.76 9.38 0.81
C TYR A 99 -21.16 8.54 1.95
N ASN A 100 -21.40 8.92 3.19
CA ASN A 100 -20.84 8.17 4.29
C ASN A 100 -21.38 6.74 4.27
N LYS A 101 -22.67 6.61 3.97
CA LYS A 101 -23.31 5.29 3.95
C LYS A 101 -22.78 4.43 2.80
N ILE A 102 -22.53 5.07 1.67
CA ILE A 102 -21.99 4.38 0.50
C ILE A 102 -20.60 3.83 0.83
N LEU A 103 -19.77 4.65 1.48
CA LEU A 103 -18.42 4.23 1.86
C LEU A 103 -18.48 3.05 2.82
N LEU A 104 -19.36 3.14 3.82
CA LEU A 104 -19.54 2.07 4.80
C LEU A 104 -20.02 0.78 4.12
N ASP A 105 -20.97 0.93 3.20
CA ASP A 105 -21.54 -0.20 2.49
C ASP A 105 -20.53 -0.91 1.60
N MET A 106 -19.74 -0.11 0.88
CA MET A 106 -18.71 -0.65 -0.01
C MET A 106 -17.72 -1.44 0.83
N GLU A 107 -17.17 -0.77 1.84
CA GLU A 107 -16.20 -1.38 2.73
C GLU A 107 -16.74 -2.66 3.37
N THR A 108 -18.01 -2.64 3.75
CA THR A 108 -18.63 -3.81 4.37
C THR A 108 -18.82 -4.96 3.37
N THR A 109 -19.34 -4.64 2.19
CA THR A 109 -19.55 -5.64 1.16
C THR A 109 -18.23 -6.37 0.84
N TYR A 110 -17.16 -5.60 0.72
CA TYR A 110 -15.86 -6.17 0.40
C TYR A 110 -15.31 -7.10 1.48
N SER A 111 -15.34 -6.62 2.71
CA SER A 111 -14.81 -7.34 3.86
C SER A 111 -15.57 -8.61 4.30
N VAL A 112 -16.82 -8.78 3.86
CA VAL A 112 -17.58 -9.96 4.25
C VAL A 112 -17.86 -10.92 3.08
N ALA A 113 -17.51 -10.54 1.86
CA ALA A 113 -17.73 -11.42 0.70
C ALA A 113 -17.05 -12.78 0.87
N THR A 114 -17.76 -13.84 0.45
CA THR A 114 -17.24 -15.21 0.50
C THR A 114 -17.49 -15.87 -0.85
N VAL A 115 -16.72 -16.92 -1.15
CA VAL A 115 -16.87 -17.65 -2.40
C VAL A 115 -17.11 -19.08 -2.02
N CYS A 116 -18.27 -19.60 -2.40
CA CYS A 116 -18.58 -20.95 -2.02
C CYS A 116 -18.77 -21.93 -3.14
N HIS A 117 -18.54 -23.20 -2.79
CA HIS A 117 -18.80 -24.29 -3.69
C HIS A 117 -20.21 -24.71 -3.30
N PRO A 118 -21.09 -25.01 -4.26
CA PRO A 118 -22.42 -25.40 -3.83
C PRO A 118 -22.32 -26.62 -2.90
N GLN A 119 -23.17 -26.65 -1.87
CA GLN A 119 -23.22 -27.72 -0.87
C GLN A 119 -21.84 -27.94 -0.25
N GLY A 120 -20.96 -26.96 -0.42
CA GLY A 120 -19.61 -27.03 0.11
C GLY A 120 -19.21 -25.85 0.98
N SER A 121 -17.94 -25.86 1.39
CA SER A 121 -17.33 -24.85 2.25
C SER A 121 -17.17 -23.49 1.59
N CYS A 122 -17.53 -22.44 2.32
CA CYS A 122 -17.37 -21.10 1.77
C CYS A 122 -15.99 -20.60 2.15
N LEU A 123 -15.33 -19.95 1.19
CA LEU A 123 -14.01 -19.42 1.43
C LEU A 123 -13.97 -17.90 1.54
N GLN A 124 -13.26 -17.38 2.55
CA GLN A 124 -13.10 -15.93 2.73
C GLN A 124 -11.79 -15.49 2.04
N LEU A 125 -11.62 -14.20 1.77
CA LEU A 125 -10.40 -13.72 1.10
C LEU A 125 -9.12 -14.04 1.88
N GLU A 126 -9.14 -13.74 3.18
CA GLU A 126 -8.01 -14.00 4.06
C GLU A 126 -8.51 -14.96 5.13
N PRO A 127 -7.82 -16.08 5.33
CA PRO A 127 -6.61 -16.46 4.58
C PRO A 127 -6.84 -17.48 3.46
N ASP A 128 -8.09 -17.85 3.22
CA ASP A 128 -8.42 -18.92 2.26
C ASP A 128 -8.15 -18.74 0.77
N LEU A 129 -8.70 -17.70 0.17
CA LEU A 129 -8.52 -17.49 -1.26
C LEU A 129 -7.11 -17.04 -1.59
N THR A 130 -6.46 -16.33 -0.65
CA THR A 130 -5.10 -15.88 -0.92
C THR A 130 -4.21 -17.08 -0.82
N ASN A 131 -4.58 -18.05 0.00
CA ASN A 131 -3.78 -19.28 0.10
C ASN A 131 -3.89 -20.11 -1.19
N VAL A 132 -5.11 -20.29 -1.73
CA VAL A 132 -5.30 -21.01 -2.99
C VAL A 132 -4.47 -20.34 -4.08
N MET A 133 -4.55 -19.01 -4.16
CA MET A 133 -3.80 -18.27 -5.18
C MET A 133 -2.28 -18.44 -5.05
N ALA A 134 -1.82 -18.54 -3.81
CA ALA A 134 -0.38 -18.69 -3.53
C ALA A 134 0.20 -20.08 -3.69
N THR A 135 -0.61 -21.10 -3.40
CA THR A 135 -0.11 -22.47 -3.43
C THR A 135 -0.60 -23.41 -4.53
N SER A 136 -1.81 -23.21 -5.04
CA SER A 136 -2.31 -24.10 -6.09
C SER A 136 -1.52 -23.94 -7.39
N ARG A 137 -1.27 -25.06 -8.05
CA ARG A 137 -0.57 -25.05 -9.32
C ARG A 137 -1.45 -25.72 -10.37
N LYS A 138 -2.77 -25.69 -10.13
CA LYS A 138 -3.75 -26.26 -11.05
C LYS A 138 -4.53 -25.11 -11.68
N TYR A 139 -4.39 -24.97 -13.00
CA TYR A 139 -5.05 -23.90 -13.77
C TYR A 139 -6.52 -23.68 -13.43
N GLU A 140 -7.32 -24.74 -13.40
CA GLU A 140 -8.75 -24.62 -13.13
C GLU A 140 -9.09 -24.22 -11.69
N ASP A 141 -8.32 -24.71 -10.72
CA ASP A 141 -8.56 -24.36 -9.33
C ASP A 141 -8.20 -22.87 -9.11
N LEU A 142 -7.12 -22.41 -9.76
CA LEU A 142 -6.73 -21.01 -9.65
C LEU A 142 -7.81 -20.13 -10.29
N LEU A 143 -8.37 -20.59 -11.40
CA LEU A 143 -9.41 -19.85 -12.09
C LEU A 143 -10.69 -19.76 -11.25
N TRP A 144 -11.05 -20.85 -10.58
CA TRP A 144 -12.24 -20.84 -9.74
C TRP A 144 -12.15 -19.74 -8.65
N ALA A 145 -10.99 -19.65 -8.00
CA ALA A 145 -10.78 -18.66 -6.95
C ALA A 145 -10.69 -17.24 -7.49
N TRP A 146 -10.00 -17.07 -8.62
CA TRP A 146 -9.81 -15.77 -9.27
C TRP A 146 -11.13 -15.20 -9.78
N GLU A 147 -11.90 -16.03 -10.47
CA GLU A 147 -13.20 -15.62 -11.01
C GLU A 147 -14.25 -15.49 -9.90
N GLY A 148 -14.26 -16.48 -9.00
CA GLY A 148 -15.20 -16.48 -7.91
C GLY A 148 -15.10 -15.23 -7.05
N TRP A 149 -13.87 -14.83 -6.75
CA TRP A 149 -13.68 -13.63 -5.95
C TRP A 149 -14.21 -12.40 -6.69
N ARG A 150 -13.96 -12.29 -7.98
CA ARG A 150 -14.48 -11.13 -8.70
C ARG A 150 -16.01 -11.21 -8.89
N ASP A 151 -16.54 -12.42 -9.03
CA ASP A 151 -17.98 -12.63 -9.14
C ASP A 151 -18.69 -12.17 -7.90
N LYS A 152 -18.08 -12.39 -6.75
CA LYS A 152 -18.73 -12.05 -5.51
C LYS A 152 -18.40 -10.67 -4.94
N ALA A 153 -17.14 -10.30 -4.91
CA ALA A 153 -16.76 -9.01 -4.36
C ALA A 153 -16.85 -7.89 -5.40
N GLY A 154 -16.28 -8.13 -6.57
CA GLY A 154 -16.30 -7.11 -7.61
C GLY A 154 -17.68 -6.70 -8.11
N ARG A 155 -18.48 -7.68 -8.49
CA ARG A 155 -19.81 -7.38 -9.00
C ARG A 155 -20.64 -6.64 -7.94
N ALA A 156 -20.51 -7.05 -6.68
CA ALA A 156 -21.30 -6.46 -5.59
C ALA A 156 -20.99 -4.99 -5.34
N ILE A 157 -19.80 -4.55 -5.72
CA ILE A 157 -19.38 -3.16 -5.52
C ILE A 157 -19.92 -2.26 -6.64
N LEU A 158 -20.17 -2.83 -7.81
CA LEU A 158 -20.65 -2.04 -8.95
C LEU A 158 -21.89 -1.18 -8.70
N GLN A 159 -22.84 -1.69 -7.91
CA GLN A 159 -24.06 -0.93 -7.65
C GLN A 159 -23.80 0.38 -6.94
N PHE A 160 -22.72 0.43 -6.15
CA PHE A 160 -22.34 1.62 -5.38
C PHE A 160 -21.41 2.62 -6.05
N TYR A 161 -20.50 2.15 -6.89
CA TYR A 161 -19.45 3.00 -7.48
C TYR A 161 -19.89 4.23 -8.27
N PRO A 162 -20.84 4.20 -9.22
CA PRO A 162 -21.15 5.45 -9.91
C PRO A 162 -21.57 6.59 -8.96
N LYS A 163 -22.37 6.28 -7.93
CA LYS A 163 -22.80 7.31 -6.99
C LYS A 163 -21.63 7.76 -6.13
N TYR A 164 -20.74 6.83 -5.79
CA TYR A 164 -19.54 7.17 -5.03
C TYR A 164 -18.73 8.20 -5.80
N VAL A 165 -18.53 7.94 -7.09
CA VAL A 165 -17.78 8.83 -7.97
C VAL A 165 -18.44 10.22 -8.03
N GLU A 166 -19.74 10.27 -8.26
CA GLU A 166 -20.43 11.55 -8.35
C GLU A 166 -20.26 12.38 -7.06
N LEU A 167 -20.43 11.72 -5.91
CA LEU A 167 -20.32 12.36 -4.60
C LEU A 167 -18.90 12.81 -4.23
N ILE A 168 -17.91 11.93 -4.43
CA ILE A 168 -16.54 12.30 -4.09
C ILE A 168 -16.06 13.41 -5.02
N ASN A 169 -16.52 13.41 -6.27
CA ASN A 169 -16.16 14.47 -7.20
C ASN A 169 -16.82 15.78 -6.78
N GLN A 170 -18.06 15.70 -6.30
CA GLN A 170 -18.79 16.89 -5.85
C GLN A 170 -18.06 17.52 -4.67
N ALA A 171 -17.65 16.70 -3.71
CA ALA A 171 -16.92 17.19 -2.55
C ALA A 171 -15.63 17.87 -2.99
N ALA A 172 -14.91 17.26 -3.95
CA ALA A 172 -13.67 17.82 -4.45
C ALA A 172 -13.89 19.21 -5.07
N ARG A 173 -14.89 19.36 -5.95
CA ARG A 173 -15.20 20.67 -6.56
C ARG A 173 -15.66 21.70 -5.51
N LEU A 174 -16.36 21.25 -4.45
CA LEU A 174 -16.74 22.18 -3.40
C LEU A 174 -15.52 22.64 -2.59
N ASN A 175 -14.37 21.98 -2.79
CA ASN A 175 -13.16 22.37 -2.07
C ASN A 175 -12.15 23.05 -2.99
N GLY A 176 -12.60 23.37 -4.20
CA GLY A 176 -11.76 24.08 -5.15
C GLY A 176 -11.00 23.26 -6.18
N TYR A 177 -11.22 21.94 -6.20
CA TYR A 177 -10.53 21.09 -7.16
C TYR A 177 -11.44 20.82 -8.35
N VAL A 178 -10.86 20.27 -9.41
CA VAL A 178 -11.57 19.93 -10.64
C VAL A 178 -12.33 18.61 -10.45
N ASP A 179 -11.70 17.65 -9.77
CA ASP A 179 -12.33 16.36 -9.49
C ASP A 179 -11.61 15.67 -8.31
N ALA A 180 -12.07 14.50 -7.89
CA ALA A 180 -11.43 13.80 -6.77
C ALA A 180 -9.98 13.43 -7.05
N GLY A 181 -9.67 13.15 -8.30
CA GLY A 181 -8.32 12.79 -8.68
C GLY A 181 -7.42 13.99 -8.53
N ASP A 182 -7.90 15.16 -8.94
CA ASP A 182 -7.11 16.38 -8.79
C ASP A 182 -6.83 16.61 -7.29
N SER A 183 -7.86 16.40 -6.45
CA SER A 183 -7.72 16.57 -5.01
C SER A 183 -6.65 15.63 -4.43
N TRP A 184 -6.73 14.34 -4.80
CA TRP A 184 -5.75 13.36 -4.29
C TRP A 184 -4.32 13.64 -4.72
N ARG A 185 -4.15 13.97 -5.98
CA ARG A 185 -2.81 14.26 -6.49
C ARG A 185 -2.19 15.45 -5.76
N SER A 186 -3.05 16.36 -5.31
CA SER A 186 -2.57 17.56 -4.62
C SER A 186 -1.86 17.24 -3.31
N MET A 187 -2.05 16.04 -2.80
CA MET A 187 -1.40 15.64 -1.54
C MET A 187 0.13 15.69 -1.69
N TYR A 188 0.63 15.72 -2.92
CA TYR A 188 2.07 15.72 -3.13
C TYR A 188 2.68 17.08 -3.37
N GLU A 189 1.82 18.08 -3.55
CA GLU A 189 2.24 19.47 -3.80
C GLU A 189 3.32 19.50 -4.89
N THR A 190 3.11 18.70 -5.93
CA THR A 190 4.07 18.58 -7.02
C THR A 190 3.39 18.72 -8.39
N PRO A 191 3.43 19.94 -8.96
CA PRO A 191 2.84 20.27 -10.26
C PRO A 191 3.23 19.28 -11.36
N SER A 192 4.49 18.84 -11.32
CA SER A 192 5.02 17.92 -12.31
C SER A 192 4.79 16.45 -11.96
N LEU A 193 3.96 16.20 -10.95
CA LEU A 193 3.69 14.81 -10.54
C LEU A 193 3.41 13.78 -11.63
N GLU A 194 2.43 14.02 -12.50
CA GLU A 194 2.10 13.03 -13.53
C GLU A 194 3.28 12.71 -14.46
N GLN A 195 4.02 13.74 -14.87
CA GLN A 195 5.18 13.49 -15.75
C GLN A 195 6.33 12.86 -14.98
N ASP A 196 6.53 13.26 -13.72
CA ASP A 196 7.59 12.68 -12.89
C ASP A 196 7.36 11.17 -12.74
N LEU A 197 6.13 10.79 -12.46
CA LEU A 197 5.80 9.39 -12.28
C LEU A 197 5.89 8.61 -13.58
N GLU A 198 5.51 9.24 -14.69
CA GLU A 198 5.63 8.53 -15.97
C GLU A 198 7.11 8.27 -16.31
N ARG A 199 7.98 9.21 -15.98
CA ARG A 199 9.40 9.02 -16.23
C ARG A 199 9.95 7.86 -15.41
N LEU A 200 9.62 7.83 -14.12
CA LEU A 200 10.07 6.78 -13.22
C LEU A 200 9.56 5.42 -13.71
N PHE A 201 8.32 5.36 -14.18
CA PHE A 201 7.76 4.11 -14.69
C PHE A 201 8.56 3.63 -15.91
N GLN A 202 8.81 4.55 -16.83
CA GLN A 202 9.57 4.22 -18.03
C GLN A 202 10.97 3.69 -17.73
N GLU A 203 11.59 4.22 -16.68
CA GLU A 203 12.94 3.77 -16.28
C GLU A 203 12.97 2.31 -15.84
N LEU A 204 11.89 1.82 -15.28
CA LEU A 204 11.84 0.44 -14.81
C LEU A 204 11.32 -0.55 -15.85
N GLN A 205 11.12 -0.08 -17.07
CA GLN A 205 10.60 -0.92 -18.16
C GLN A 205 11.55 -2.07 -18.56
N PRO A 206 12.84 -1.77 -18.81
CA PRO A 206 13.75 -2.86 -19.18
C PRO A 206 13.71 -4.01 -18.13
N LEU A 207 13.74 -3.63 -16.86
CA LEU A 207 13.76 -4.58 -15.77
C LEU A 207 12.45 -5.32 -15.60
N TYR A 208 11.34 -4.67 -15.93
CA TYR A 208 10.08 -5.36 -15.80
C TYR A 208 9.85 -6.26 -16.99
N LEU A 209 9.99 -5.72 -18.19
CA LEU A 209 9.80 -6.52 -19.41
C LEU A 209 10.64 -7.79 -19.41
N ASN A 210 11.86 -7.72 -18.89
CA ASN A 210 12.72 -8.89 -18.84
C ASN A 210 12.23 -9.89 -17.79
N LEU A 211 11.71 -9.39 -16.67
CA LEU A 211 11.20 -10.28 -15.62
C LEU A 211 9.93 -10.96 -16.19
N HIS A 212 9.08 -10.16 -16.83
CA HIS A 212 7.82 -10.63 -17.44
C HIS A 212 8.07 -11.74 -18.43
N ALA A 213 9.01 -11.54 -19.34
CA ALA A 213 9.35 -12.55 -20.35
C ALA A 213 9.91 -13.83 -19.73
N TYR A 214 10.72 -13.69 -18.70
CA TYR A 214 11.32 -14.85 -18.03
C TYR A 214 10.25 -15.68 -17.31
N VAL A 215 9.36 -14.99 -16.58
CA VAL A 215 8.26 -15.66 -15.88
C VAL A 215 7.27 -16.28 -16.86
N ARG A 216 7.01 -15.59 -17.98
CA ARG A 216 6.11 -16.14 -18.99
C ARG A 216 6.63 -17.48 -19.54
N ARG A 217 7.94 -17.57 -19.72
CA ARG A 217 8.56 -18.80 -20.21
C ARG A 217 8.41 -19.92 -19.19
N ALA A 218 8.62 -19.59 -17.91
CA ALA A 218 8.49 -20.58 -16.84
C ALA A 218 7.04 -21.07 -16.70
N LEU A 219 6.08 -20.18 -16.93
CA LEU A 219 4.67 -20.55 -16.87
C LEU A 219 4.33 -21.44 -18.08
N HIS A 220 4.99 -21.18 -19.20
CA HIS A 220 4.81 -21.98 -20.42
C HIS A 220 5.26 -23.44 -20.12
N ARG A 221 6.39 -23.56 -19.43
CA ARG A 221 6.96 -24.84 -19.05
C ARG A 221 6.06 -25.64 -18.13
N HIS A 222 5.49 -24.96 -17.13
CA HIS A 222 4.63 -25.59 -16.15
C HIS A 222 3.17 -25.85 -16.55
N TYR A 223 2.50 -24.85 -17.12
CA TYR A 223 1.08 -24.97 -17.51
C TYR A 223 0.77 -25.44 -18.94
N GLY A 224 1.77 -25.43 -19.82
CA GLY A 224 1.58 -25.91 -21.18
C GLY A 224 1.54 -24.86 -22.27
N ALA A 225 2.14 -25.21 -23.39
CA ALA A 225 2.20 -24.36 -24.54
C ALA A 225 0.81 -23.93 -24.95
N GLN A 226 -0.18 -24.78 -24.63
CA GLN A 226 -1.57 -24.50 -25.01
C GLN A 226 -2.24 -23.42 -24.17
N HIS A 227 -1.59 -22.99 -23.09
CA HIS A 227 -2.19 -22.00 -22.21
C HIS A 227 -1.39 -20.72 -22.06
N ILE A 228 -0.21 -20.68 -22.69
CA ILE A 228 0.68 -19.53 -22.59
C ILE A 228 1.21 -19.15 -23.94
N ASN A 229 0.95 -17.90 -24.31
CA ASN A 229 1.44 -17.38 -25.58
C ASN A 229 2.77 -16.67 -25.27
N LEU A 230 3.88 -17.21 -25.76
CA LEU A 230 5.21 -16.64 -25.46
C LEU A 230 5.41 -15.23 -26.00
N GLU A 231 4.43 -14.73 -26.75
CA GLU A 231 4.51 -13.40 -27.31
C GLU A 231 3.28 -12.58 -26.92
N GLY A 232 2.56 -13.05 -25.92
CA GLY A 232 1.36 -12.34 -25.50
C GLY A 232 1.30 -12.06 -24.01
N PRO A 233 0.18 -11.53 -23.52
CA PRO A 233 0.06 -11.22 -22.09
C PRO A 233 -0.06 -12.51 -21.28
N ILE A 234 0.33 -12.45 -20.02
CA ILE A 234 0.27 -13.60 -19.12
C ILE A 234 -1.11 -13.62 -18.47
N PRO A 235 -1.72 -14.80 -18.33
CA PRO A 235 -3.05 -14.88 -17.69
C PRO A 235 -2.93 -14.46 -16.22
N ALA A 236 -3.75 -13.52 -15.83
CA ALA A 236 -3.71 -12.92 -14.48
C ALA A 236 -3.87 -13.84 -13.27
N HIS A 237 -4.34 -15.06 -13.45
CA HIS A 237 -4.53 -15.91 -12.28
C HIS A 237 -3.36 -16.82 -11.92
N LEU A 238 -2.27 -16.73 -12.68
CA LEU A 238 -1.12 -17.60 -12.50
C LEU A 238 0.12 -17.06 -11.77
N LEU A 239 -0.01 -15.85 -11.21
CA LEU A 239 1.10 -15.18 -10.52
C LEU A 239 1.20 -15.37 -9.00
N GLY A 240 0.31 -16.18 -8.44
CA GLY A 240 0.38 -16.48 -7.01
C GLY A 240 -0.17 -15.43 -6.08
N ASN A 241 -0.81 -14.43 -6.67
CA ASN A 241 -1.42 -13.35 -5.91
C ASN A 241 -2.75 -13.06 -6.58
N MET A 242 -3.76 -12.80 -5.77
CA MET A 242 -5.11 -12.52 -6.25
C MET A 242 -5.19 -11.39 -7.29
N TRP A 243 -4.26 -10.45 -7.26
CA TRP A 243 -4.29 -9.34 -8.19
C TRP A 243 -3.04 -9.30 -9.09
N ALA A 244 -2.27 -10.38 -9.06
CA ALA A 244 -1.00 -10.48 -9.78
C ALA A 244 -0.17 -9.21 -9.56
N GLN A 245 -0.29 -8.62 -8.37
CA GLN A 245 0.46 -7.41 -8.05
C GLN A 245 1.88 -7.71 -7.53
N THR A 246 2.06 -8.90 -6.95
CA THR A 246 3.36 -9.39 -6.49
C THR A 246 3.37 -10.85 -6.92
N TRP A 247 4.52 -11.29 -7.41
CA TRP A 247 4.66 -12.65 -7.94
C TRP A 247 5.54 -13.61 -7.14
N SER A 248 5.97 -13.20 -5.96
CA SER A 248 6.88 -14.04 -5.19
C SER A 248 6.38 -15.45 -4.78
N ASN A 249 5.07 -15.68 -4.78
CA ASN A 249 4.56 -16.99 -4.41
C ASN A 249 4.75 -18.06 -5.47
N ILE A 250 5.16 -17.66 -6.68
CA ILE A 250 5.45 -18.67 -7.71
C ILE A 250 6.96 -18.81 -7.91
N TYR A 251 7.72 -18.40 -6.88
CA TYR A 251 9.18 -18.53 -6.92
C TYR A 251 9.57 -19.96 -7.28
N ASP A 252 8.85 -20.94 -6.74
CA ASP A 252 9.14 -22.36 -7.03
C ASP A 252 9.11 -22.73 -8.51
N LEU A 253 8.27 -22.03 -9.28
CA LEU A 253 8.16 -22.29 -10.70
C LEU A 253 9.21 -21.54 -11.54
N VAL A 254 9.84 -20.54 -10.94
CA VAL A 254 10.82 -19.72 -11.67
C VAL A 254 12.27 -19.66 -11.13
N VAL A 255 12.59 -20.46 -10.11
CA VAL A 255 13.93 -20.48 -9.53
C VAL A 255 15.04 -20.45 -10.60
N PRO A 256 15.93 -19.44 -10.55
CA PRO A 256 17.02 -19.38 -11.53
C PRO A 256 17.96 -20.58 -11.41
N PHE A 257 18.32 -20.90 -10.17
CA PHE A 257 19.21 -22.03 -9.91
C PHE A 257 18.60 -23.02 -8.93
N PRO A 258 17.77 -23.95 -9.46
CA PRO A 258 17.10 -24.96 -8.64
C PRO A 258 18.05 -25.86 -7.86
N SER A 259 19.30 -25.91 -8.27
CA SER A 259 20.29 -26.72 -7.57
C SER A 259 20.49 -26.14 -6.17
N ALA A 260 20.30 -24.82 -6.04
CA ALA A 260 20.46 -24.12 -4.77
C ALA A 260 19.12 -23.91 -4.06
N PRO A 261 18.64 -24.96 -3.36
CA PRO A 261 17.37 -24.88 -2.64
C PRO A 261 17.38 -23.84 -1.54
N SER A 262 16.18 -23.38 -1.19
CA SER A 262 16.00 -22.38 -0.15
C SER A 262 15.03 -22.99 0.85
N MET A 263 15.27 -22.69 2.12
CA MET A 263 14.46 -23.24 3.20
C MET A 263 12.99 -22.82 3.12
N ASP A 264 12.11 -23.73 3.54
CA ASP A 264 10.69 -23.45 3.55
C ASP A 264 10.49 -22.53 4.75
N THR A 265 10.66 -21.23 4.52
CA THR A 265 10.54 -20.22 5.58
C THR A 265 9.28 -20.35 6.41
N THR A 266 8.16 -20.56 5.74
CA THR A 266 6.89 -20.68 6.46
C THR A 266 6.94 -21.89 7.40
N GLU A 267 7.36 -23.02 6.87
CA GLU A 267 7.47 -24.22 7.68
C GLU A 267 8.49 -23.94 8.78
N ALA A 268 9.49 -23.11 8.47
CA ALA A 268 10.47 -22.81 9.50
C ALA A 268 9.76 -22.03 10.59
N MET A 269 9.08 -20.96 10.20
CA MET A 269 8.39 -20.12 11.18
C MET A 269 7.39 -20.90 12.02
N LEU A 270 6.64 -21.80 11.37
CA LEU A 270 5.67 -22.62 12.07
C LEU A 270 6.35 -23.61 13.00
N LYS A 271 7.39 -24.27 12.51
CA LYS A 271 8.16 -25.22 13.30
C LYS A 271 8.78 -24.59 14.56
N GLN A 272 9.36 -23.38 14.42
CA GLN A 272 9.98 -22.68 15.54
C GLN A 272 8.95 -21.95 16.40
N GLY A 273 7.67 -22.22 16.13
CA GLY A 273 6.60 -21.63 16.92
C GLY A 273 6.37 -20.12 16.84
N TRP A 274 6.63 -19.53 15.67
CA TRP A 274 6.40 -18.10 15.50
C TRP A 274 4.91 -17.84 15.54
N THR A 275 4.52 -16.73 16.17
CA THR A 275 3.12 -16.32 16.25
C THR A 275 3.01 -14.90 15.72
N PRO A 276 1.80 -14.38 15.51
CA PRO A 276 1.66 -12.99 15.06
C PRO A 276 2.36 -12.03 16.03
N ARG A 277 2.23 -12.28 17.33
CA ARG A 277 2.85 -11.41 18.32
C ARG A 277 4.38 -11.36 18.20
N ARG A 278 4.98 -12.52 17.96
CA ARG A 278 6.42 -12.63 17.76
C ARG A 278 6.87 -11.83 16.54
N MET A 279 6.09 -11.92 15.47
CA MET A 279 6.40 -11.21 14.22
C MET A 279 6.47 -9.70 14.45
N PHE A 280 5.51 -9.17 15.21
CA PHE A 280 5.51 -7.73 15.51
C PHE A 280 6.60 -7.35 16.53
N LYS A 281 6.94 -8.27 17.43
CA LYS A 281 7.99 -8.02 18.40
C LYS A 281 9.33 -7.94 17.68
N GLU A 282 9.53 -8.78 16.68
CA GLU A 282 10.78 -8.75 15.91
C GLU A 282 10.89 -7.45 15.11
N ALA A 283 9.75 -6.96 14.61
CA ALA A 283 9.72 -5.70 13.89
C ALA A 283 10.07 -4.57 14.86
N ASP A 284 9.45 -4.61 16.03
CA ASP A 284 9.71 -3.63 17.09
C ASP A 284 11.21 -3.60 17.44
N ASP A 285 11.84 -4.78 17.47
CA ASP A 285 13.26 -4.87 17.78
C ASP A 285 14.12 -4.24 16.71
N PHE A 286 13.72 -4.39 15.45
CA PHE A 286 14.50 -3.79 14.36
C PHE A 286 14.44 -2.28 14.47
N PHE A 287 13.26 -1.72 14.73
CA PHE A 287 13.18 -0.27 14.88
C PHE A 287 14.04 0.21 16.06
N THR A 288 13.95 -0.43 17.20
CA THR A 288 14.76 0.01 18.35
C THR A 288 16.26 -0.19 18.13
N SER A 289 16.63 -1.19 17.34
CA SER A 289 18.05 -1.43 17.05
C SER A 289 18.65 -0.21 16.35
N LEU A 290 17.81 0.49 15.59
CA LEU A 290 18.22 1.68 14.86
C LEU A 290 18.22 2.94 15.75
N GLY A 291 17.78 2.77 17.00
CA GLY A 291 17.73 3.89 17.92
C GLY A 291 16.39 4.58 17.79
N LEU A 292 15.47 3.98 17.04
CA LEU A 292 14.15 4.55 16.86
C LEU A 292 13.25 4.16 18.05
N LEU A 293 12.04 4.68 18.10
CA LEU A 293 11.14 4.43 19.23
C LEU A 293 10.43 3.08 19.33
N PRO A 294 10.25 2.57 20.56
CA PRO A 294 9.53 1.31 20.72
C PRO A 294 8.05 1.66 20.75
N VAL A 295 7.19 0.71 20.38
CA VAL A 295 5.75 0.98 20.44
C VAL A 295 5.39 0.92 21.93
N PRO A 296 4.42 1.75 22.40
CA PRO A 296 4.02 1.79 23.82
C PRO A 296 3.38 0.51 24.33
N PRO A 297 3.39 0.30 25.64
CA PRO A 297 2.76 -0.89 26.22
C PRO A 297 1.31 -0.99 25.74
N GLU A 298 0.67 0.17 25.63
CA GLU A 298 -0.73 0.27 25.20
C GLU A 298 -0.99 -0.41 23.85
N PHE A 299 -0.01 -0.32 22.95
CA PHE A 299 -0.09 -0.93 21.62
C PHE A 299 -0.36 -2.42 21.69
N TRP A 300 0.41 -3.11 22.53
CA TRP A 300 0.24 -4.55 22.70
C TRP A 300 -1.11 -4.92 23.32
N GLN A 301 -1.63 -4.03 24.18
CA GLN A 301 -2.91 -4.28 24.84
C GLN A 301 -4.15 -4.06 23.96
N LYS A 302 -4.12 -3.04 23.11
CA LYS A 302 -5.26 -2.69 22.27
C LYS A 302 -5.27 -3.13 20.80
N SER A 303 -4.11 -3.45 20.23
CA SER A 303 -4.10 -3.88 18.84
C SER A 303 -4.78 -5.22 18.61
N MET A 304 -5.21 -5.44 17.38
CA MET A 304 -5.79 -6.66 16.94
C MET A 304 -4.80 -7.23 15.92
N LEU A 305 -3.88 -8.06 16.40
CA LEU A 305 -2.80 -8.63 15.61
C LEU A 305 -3.10 -9.98 14.94
N GLU A 306 -4.30 -10.51 15.19
CA GLU A 306 -4.77 -11.77 14.62
C GLU A 306 -6.31 -11.81 14.51
N LYS A 307 -6.82 -12.52 13.51
CA LYS A 307 -8.26 -12.64 13.28
C LYS A 307 -9.00 -13.11 14.52
N PRO A 308 -10.00 -12.35 14.98
CA PRO A 308 -10.81 -12.70 16.16
C PRO A 308 -11.56 -14.00 15.94
N THR A 309 -11.53 -14.89 16.91
CA THR A 309 -12.24 -16.17 16.80
C THR A 309 -13.39 -16.24 17.78
N ASP A 310 -13.86 -15.06 18.19
CA ASP A 310 -14.94 -14.94 19.16
C ASP A 310 -16.30 -14.79 18.50
N GLY A 311 -16.36 -14.89 17.18
CA GLY A 311 -17.65 -14.75 16.52
C GLY A 311 -17.76 -13.46 15.73
N ARG A 312 -16.94 -12.46 16.09
CA ARG A 312 -16.94 -11.16 15.41
C ARG A 312 -16.52 -11.21 13.94
N GLU A 313 -17.06 -10.29 13.16
CA GLU A 313 -16.66 -10.14 11.77
C GLU A 313 -15.85 -8.85 11.77
N VAL A 314 -14.77 -8.82 10.99
CA VAL A 314 -13.89 -7.64 11.03
C VAL A 314 -13.31 -7.35 9.67
N VAL A 315 -12.70 -6.18 9.55
CA VAL A 315 -12.02 -5.78 8.33
C VAL A 315 -10.61 -6.32 8.46
N CYS A 316 -10.28 -7.40 7.75
CA CYS A 316 -8.96 -8.01 7.90
C CYS A 316 -7.75 -7.28 7.30
N HIS A 317 -7.92 -6.53 6.22
CA HIS A 317 -6.82 -5.84 5.53
C HIS A 317 -6.00 -5.06 6.56
N ALA A 318 -4.69 -5.31 6.56
CA ALA A 318 -3.74 -4.66 7.48
C ALA A 318 -3.78 -3.13 7.46
N SER A 319 -3.81 -2.53 8.65
CA SER A 319 -3.78 -1.07 8.75
C SER A 319 -3.25 -0.59 10.09
N ALA A 320 -2.68 0.62 10.08
CA ALA A 320 -2.13 1.25 11.26
C ALA A 320 -2.98 2.45 11.62
N TRP A 321 -3.18 2.63 12.91
CA TRP A 321 -4.04 3.66 13.43
C TRP A 321 -3.42 4.65 14.42
N ASP A 322 -3.61 5.95 14.15
CA ASP A 322 -3.16 7.02 15.03
C ASP A 322 -4.43 7.56 15.68
N PHE A 323 -4.54 7.46 17.01
CA PHE A 323 -5.73 7.95 17.74
C PHE A 323 -5.63 9.41 18.22
N TYR A 324 -4.77 10.17 17.59
CA TYR A 324 -4.55 11.61 17.84
C TYR A 324 -4.32 12.14 19.26
N ASN A 325 -3.82 11.29 20.17
CA ASN A 325 -3.52 11.73 21.54
C ASN A 325 -2.05 11.53 21.93
N GLY A 326 -1.22 11.16 20.96
CA GLY A 326 0.21 10.96 21.13
C GLY A 326 0.61 9.80 22.03
N LYS A 327 -0.37 8.93 22.34
CA LYS A 327 -0.14 7.81 23.23
C LYS A 327 -0.70 6.48 22.69
N ASP A 328 -1.87 6.58 22.05
CA ASP A 328 -2.60 5.44 21.54
C ASP A 328 -2.39 5.21 20.03
N PHE A 329 -1.62 4.17 19.71
CA PHE A 329 -1.35 3.77 18.34
C PHE A 329 -1.60 2.26 18.25
N ARG A 330 -2.34 1.84 17.23
CA ARG A 330 -2.65 0.42 17.09
C ARG A 330 -2.61 -0.08 15.66
N ILE A 331 -2.46 -1.39 15.53
CA ILE A 331 -2.44 -2.07 14.25
C ILE A 331 -3.57 -3.11 14.27
N LYS A 332 -4.29 -3.21 13.14
CA LYS A 332 -5.39 -4.16 12.99
C LYS A 332 -5.01 -5.06 11.80
N GLN A 333 -4.71 -6.33 12.10
CA GLN A 333 -4.28 -7.26 11.05
C GLN A 333 -4.66 -8.70 11.37
N CYS A 334 -5.18 -9.38 10.37
CA CYS A 334 -5.51 -10.80 10.54
C CYS A 334 -4.26 -11.51 10.08
N THR A 335 -3.24 -11.44 10.94
CA THR A 335 -1.90 -11.95 10.67
C THR A 335 -1.74 -13.44 10.38
N THR A 336 -1.06 -13.79 9.29
CA THR A 336 -0.82 -15.20 9.05
C THR A 336 0.68 -15.39 9.29
N VAL A 337 1.06 -16.54 9.82
CA VAL A 337 2.45 -16.81 10.11
C VAL A 337 3.22 -17.25 8.86
N ASN A 338 3.82 -16.29 8.16
CA ASN A 338 4.65 -16.53 6.97
C ASN A 338 5.53 -15.31 6.69
N LEU A 339 6.51 -15.48 5.80
CA LEU A 339 7.42 -14.40 5.48
C LEU A 339 6.66 -13.23 4.91
N GLU A 340 5.73 -13.53 4.02
CA GLU A 340 4.92 -12.50 3.41
C GLU A 340 4.28 -11.57 4.45
N ASP A 341 3.66 -12.15 5.48
CA ASP A 341 3.05 -11.31 6.50
C ASP A 341 4.05 -10.68 7.45
N LEU A 342 5.28 -11.20 7.46
CA LEU A 342 6.31 -10.67 8.34
C LEU A 342 6.69 -9.33 7.72
N VAL A 343 6.80 -9.30 6.39
CA VAL A 343 7.12 -8.05 5.70
C VAL A 343 5.99 -7.06 5.92
N VAL A 344 4.75 -7.51 5.81
CA VAL A 344 3.59 -6.63 6.03
C VAL A 344 3.57 -6.05 7.45
N ALA A 345 3.96 -6.86 8.43
CA ALA A 345 4.02 -6.42 9.82
C ALA A 345 5.03 -5.26 9.97
N HIS A 346 6.15 -5.36 9.25
CA HIS A 346 7.17 -4.32 9.28
C HIS A 346 6.63 -3.05 8.63
N HIS A 347 5.90 -3.27 7.54
CA HIS A 347 5.27 -2.21 6.76
C HIS A 347 4.40 -1.38 7.67
N GLU A 348 3.53 -2.07 8.41
CA GLU A 348 2.58 -1.46 9.35
C GLU A 348 3.32 -0.86 10.54
N MET A 349 4.41 -1.46 11.01
CA MET A 349 5.11 -0.88 12.15
C MET A 349 5.82 0.40 11.70
N GLY A 350 6.01 0.55 10.39
CA GLY A 350 6.64 1.73 9.86
C GLY A 350 5.65 2.88 10.04
N HIS A 351 4.38 2.57 9.79
CA HIS A 351 3.31 3.57 9.94
C HIS A 351 3.25 4.03 11.41
N ILE A 352 3.31 3.09 12.32
CA ILE A 352 3.27 3.39 13.74
C ILE A 352 4.46 4.26 14.15
N GLN A 353 5.67 3.92 13.65
CA GLN A 353 6.88 4.68 13.97
C GLN A 353 6.72 6.13 13.52
N TYR A 354 6.14 6.33 12.34
CA TYR A 354 5.91 7.68 11.81
C TYR A 354 4.94 8.43 12.76
N PHE A 355 3.87 7.75 13.19
CA PHE A 355 2.91 8.36 14.12
C PHE A 355 3.62 8.84 15.39
N MET A 356 4.45 7.96 15.95
CA MET A 356 5.19 8.27 17.17
C MET A 356 6.21 9.38 16.99
N GLN A 357 6.86 9.41 15.83
CA GLN A 357 7.87 10.43 15.55
C GLN A 357 7.32 11.86 15.41
N TYR A 358 6.15 12.02 14.80
CA TYR A 358 5.57 13.36 14.63
C TYR A 358 4.42 13.69 15.56
N LYS A 359 4.26 12.91 16.62
CA LYS A 359 3.18 13.09 17.60
C LYS A 359 3.08 14.45 18.32
N ASP A 360 4.19 15.20 18.32
CA ASP A 360 4.23 16.49 18.98
C ASP A 360 4.00 17.60 17.96
N LEU A 361 3.42 17.25 16.81
CA LEU A 361 3.16 18.25 15.78
C LEU A 361 1.69 18.60 15.75
N PRO A 362 1.36 19.85 15.41
CA PRO A 362 -0.06 20.22 15.35
C PRO A 362 -0.69 19.09 14.52
N VAL A 363 -1.83 18.58 14.97
CA VAL A 363 -2.48 17.49 14.24
C VAL A 363 -2.61 17.66 12.73
N ALA A 364 -2.75 18.88 12.28
CA ALA A 364 -2.86 19.15 10.85
C ALA A 364 -1.59 18.77 10.07
N LEU A 365 -0.46 18.73 10.77
CA LEU A 365 0.81 18.39 10.15
C LEU A 365 1.25 16.97 10.48
N ARG A 366 0.41 16.23 11.19
CA ARG A 366 0.68 14.84 11.56
C ARG A 366 0.34 13.87 10.41
N GLU A 367 1.12 14.00 9.34
CA GLU A 367 1.02 13.18 8.12
C GLU A 367 2.45 13.00 7.60
N GLY A 368 2.65 12.08 6.66
CA GLY A 368 3.97 11.88 6.10
C GLY A 368 4.38 13.06 5.23
N ALA A 369 5.66 13.17 4.86
CA ALA A 369 6.12 14.26 4.02
C ALA A 369 5.21 14.28 2.79
N ASN A 370 4.78 13.09 2.36
CA ASN A 370 3.85 12.86 1.28
C ASN A 370 3.38 11.45 1.49
N PRO A 371 2.20 11.07 1.05
CA PRO A 371 1.75 9.69 1.33
C PRO A 371 2.73 8.56 1.02
N GLY A 372 3.61 8.79 0.06
CA GLY A 372 4.61 7.81 -0.31
C GLY A 372 5.62 7.52 0.79
N PHE A 373 6.02 8.56 1.54
CA PHE A 373 6.97 8.40 2.64
C PHE A 373 6.39 7.47 3.71
N HIS A 374 5.16 7.73 4.09
CA HIS A 374 4.48 6.93 5.11
C HIS A 374 4.53 5.47 4.70
N GLU A 375 4.25 5.19 3.43
CA GLU A 375 4.25 3.81 2.99
C GLU A 375 5.65 3.21 2.91
N ALA A 376 6.65 4.06 2.76
CA ALA A 376 8.04 3.60 2.54
C ALA A 376 8.85 3.16 3.77
N ILE A 377 8.61 3.77 4.92
CA ILE A 377 9.40 3.51 6.14
C ILE A 377 9.56 2.02 6.54
N GLY A 378 8.44 1.33 6.76
CA GLY A 378 8.49 -0.07 7.13
C GLY A 378 9.10 -0.95 6.09
N ASP A 379 8.84 -0.66 4.81
CA ASP A 379 9.40 -1.44 3.71
C ASP A 379 10.93 -1.33 3.67
N VAL A 380 11.47 -0.18 4.03
CA VAL A 380 12.92 -0.01 4.03
C VAL A 380 13.55 -1.07 4.97
N LEU A 381 13.04 -1.14 6.19
CA LEU A 381 13.52 -2.09 7.19
C LEU A 381 13.26 -3.51 6.71
N ALA A 382 12.11 -3.75 6.08
CA ALA A 382 11.81 -5.09 5.57
C ALA A 382 12.82 -5.52 4.49
N LEU A 383 13.45 -4.55 3.82
CA LEU A 383 14.44 -4.90 2.79
C LEU A 383 15.66 -5.56 3.45
N SER A 384 16.10 -5.02 4.59
CA SER A 384 17.23 -5.58 5.31
C SER A 384 16.83 -6.93 5.95
N VAL A 385 15.62 -6.99 6.51
CA VAL A 385 15.08 -8.19 7.15
C VAL A 385 15.06 -9.36 6.15
N SER A 386 14.76 -9.05 4.89
CA SER A 386 14.64 -10.05 3.81
C SER A 386 15.94 -10.65 3.30
N THR A 387 17.07 -10.05 3.65
CA THR A 387 18.36 -10.58 3.18
C THR A 387 18.60 -11.96 3.75
N PRO A 388 19.24 -12.85 2.96
CA PRO A 388 19.51 -14.21 3.42
C PRO A 388 20.28 -14.19 4.74
N LYS A 389 21.24 -13.28 4.84
CA LYS A 389 22.03 -13.13 6.05
C LYS A 389 21.15 -12.84 7.28
N HIS A 390 20.19 -11.92 7.12
CA HIS A 390 19.32 -11.59 8.24
C HIS A 390 18.31 -12.71 8.57
N LEU A 391 17.74 -13.32 7.54
CA LEU A 391 16.80 -14.42 7.75
C LEU A 391 17.53 -15.56 8.44
N HIS A 392 18.77 -15.80 8.04
CA HIS A 392 19.51 -16.87 8.66
C HIS A 392 19.70 -16.54 10.14
N SER A 393 19.83 -15.26 10.47
CA SER A 393 20.06 -14.93 11.87
C SER A 393 18.79 -15.15 12.72
N LEU A 394 17.63 -15.14 12.06
CA LEU A 394 16.34 -15.35 12.72
C LEU A 394 16.06 -16.85 12.68
N ASN A 395 17.04 -17.60 12.18
CA ASN A 395 16.97 -19.04 12.03
C ASN A 395 15.85 -19.51 11.09
N LEU A 396 15.61 -18.74 10.04
CA LEU A 396 14.57 -19.08 9.06
C LEU A 396 15.20 -19.51 7.73
N LEU A 397 16.51 -19.33 7.58
CA LEU A 397 17.21 -19.75 6.37
C LEU A 397 18.50 -20.42 6.82
N SER A 398 19.05 -21.30 5.99
CA SER A 398 20.28 -21.98 6.33
C SER A 398 21.55 -21.20 5.95
N SER A 399 21.39 -20.16 5.12
CA SER A 399 22.54 -19.35 4.71
C SER A 399 22.16 -17.88 4.51
N SER A 403 27.26 -17.95 -2.47
CA SER A 403 27.44 -18.31 -3.88
C SER A 403 26.76 -17.30 -4.76
N ASP A 404 27.12 -17.31 -6.03
CA ASP A 404 26.54 -16.39 -7.00
C ASP A 404 25.14 -16.90 -7.39
N GLU A 405 24.93 -18.21 -7.26
CA GLU A 405 23.64 -18.80 -7.61
C GLU A 405 22.60 -18.50 -6.56
N HIS A 406 23.01 -18.53 -5.31
CA HIS A 406 22.08 -18.19 -4.22
C HIS A 406 21.77 -16.70 -4.30
N ASP A 407 22.74 -15.95 -4.83
CA ASP A 407 22.62 -14.51 -4.97
C ASP A 407 21.59 -14.10 -6.04
N ILE A 408 21.65 -14.75 -7.20
CA ILE A 408 20.71 -14.47 -8.28
C ILE A 408 19.34 -14.99 -7.87
N ASN A 409 19.32 -16.08 -7.09
CA ASN A 409 18.07 -16.65 -6.58
C ASN A 409 17.40 -15.65 -5.64
N PHE A 410 18.18 -15.03 -4.77
CA PHE A 410 17.62 -14.03 -3.85
C PHE A 410 17.11 -12.82 -4.62
N LEU A 411 17.92 -12.33 -5.56
CA LEU A 411 17.49 -11.18 -6.34
C LEU A 411 16.20 -11.47 -7.09
N MET A 412 16.02 -12.70 -7.55
CA MET A 412 14.79 -13.06 -8.27
C MET A 412 13.61 -13.03 -7.28
N LYS A 413 13.83 -13.57 -6.09
CA LYS A 413 12.75 -13.56 -5.10
C LYS A 413 12.29 -12.12 -4.82
N MET A 414 13.24 -11.21 -4.67
CA MET A 414 12.94 -9.81 -4.40
C MET A 414 12.27 -9.13 -5.60
N ALA A 415 12.73 -9.46 -6.80
CA ALA A 415 12.17 -8.88 -8.02
C ALA A 415 10.71 -9.29 -8.21
N LEU A 416 10.42 -10.57 -7.97
CA LEU A 416 9.08 -11.10 -8.18
C LEU A 416 8.08 -10.25 -7.39
N ASP A 417 8.53 -9.62 -6.29
CA ASP A 417 7.67 -8.76 -5.49
C ASP A 417 7.84 -7.30 -5.88
N LYS A 418 9.02 -6.75 -5.66
CA LYS A 418 9.30 -5.33 -5.95
C LYS A 418 9.20 -4.88 -7.41
N ILE A 419 9.69 -5.65 -8.37
CA ILE A 419 9.62 -5.23 -9.77
C ILE A 419 8.21 -5.43 -10.36
N ALA A 420 7.64 -6.60 -10.10
CA ALA A 420 6.32 -6.93 -10.61
C ALA A 420 5.29 -5.93 -10.14
N PHE A 421 5.48 -5.37 -8.95
CA PHE A 421 4.55 -4.42 -8.36
C PHE A 421 4.51 -3.03 -8.97
N ILE A 422 5.58 -2.68 -9.66
CA ILE A 422 5.74 -1.35 -10.26
C ILE A 422 4.62 -1.02 -11.26
N PRO A 423 4.35 -1.86 -12.30
CA PRO A 423 3.27 -1.46 -13.19
C PRO A 423 1.87 -1.53 -12.57
N PHE A 424 1.65 -2.47 -11.64
CA PHE A 424 0.34 -2.55 -10.99
C PHE A 424 0.09 -1.30 -10.15
N SER A 425 1.07 -0.91 -9.33
CA SER A 425 0.91 0.25 -8.48
C SER A 425 0.78 1.56 -9.27
N TYR A 426 1.28 1.59 -10.49
CA TYR A 426 1.20 2.76 -11.36
C TYR A 426 -0.23 2.85 -11.89
N LEU A 427 -0.68 1.73 -12.40
CA LEU A 427 -1.98 1.47 -13.04
C LEU A 427 -3.25 1.82 -12.26
N VAL A 428 -3.33 1.44 -10.98
CA VAL A 428 -4.55 1.64 -10.23
C VAL A 428 -5.13 3.05 -10.28
N ASP A 429 -4.30 4.05 -10.00
CA ASP A 429 -4.82 5.41 -10.02
C ASP A 429 -4.82 6.03 -11.40
N GLN A 430 -4.14 5.40 -12.36
CA GLN A 430 -4.26 5.89 -13.73
C GLN A 430 -5.71 5.67 -14.10
N TRP A 431 -6.23 4.50 -13.71
CA TRP A 431 -7.64 4.16 -13.97
C TRP A 431 -8.56 5.09 -13.17
N ARG A 432 -8.31 5.21 -11.86
CA ARG A 432 -9.18 6.08 -11.03
C ARG A 432 -9.18 7.56 -11.40
N TRP A 433 -8.02 8.11 -11.76
CA TRP A 433 -7.96 9.53 -12.14
C TRP A 433 -8.80 9.76 -13.38
N ARG A 434 -8.84 8.79 -14.28
CA ARG A 434 -9.63 8.93 -15.50
C ARG A 434 -11.11 8.70 -15.20
N VAL A 435 -11.42 7.91 -14.17
CA VAL A 435 -12.80 7.70 -13.76
C VAL A 435 -13.28 9.02 -13.14
N PHE A 436 -12.42 9.61 -12.31
CA PHE A 436 -12.72 10.86 -11.63
C PHE A 436 -12.89 12.03 -12.59
N ASP A 437 -12.05 12.11 -13.62
CA ASP A 437 -12.16 13.23 -14.57
C ASP A 437 -13.22 13.01 -15.66
N GLY A 438 -13.89 11.87 -15.64
CA GLY A 438 -14.99 11.61 -16.53
C GLY A 438 -14.64 10.98 -17.88
N SER A 439 -13.36 10.65 -18.09
CA SER A 439 -13.02 10.07 -19.37
C SER A 439 -13.35 8.57 -19.43
N ILE A 440 -13.57 7.93 -18.28
CA ILE A 440 -14.01 6.53 -18.24
C ILE A 440 -15.38 6.54 -17.57
N THR A 441 -16.43 6.20 -18.33
CA THR A 441 -17.80 6.18 -17.82
C THR A 441 -18.10 4.81 -17.22
N LYS A 442 -19.23 4.71 -16.51
CA LYS A 442 -19.61 3.46 -15.87
C LYS A 442 -19.85 2.36 -16.91
N GLU A 443 -20.03 2.74 -18.15
CA GLU A 443 -20.25 1.72 -19.19
C GLU A 443 -18.90 1.17 -19.63
N ASN A 444 -17.81 1.82 -19.26
CA ASN A 444 -16.46 1.40 -19.64
C ASN A 444 -15.49 1.14 -18.48
N TYR A 445 -15.96 1.18 -17.26
CA TYR A 445 -15.14 0.84 -16.08
C TYR A 445 -14.23 -0.34 -16.30
N ASN A 446 -14.84 -1.51 -16.51
CA ASN A 446 -14.09 -2.75 -16.64
C ASN A 446 -13.20 -2.88 -17.87
N GLN A 447 -13.71 -2.48 -19.03
CA GLN A 447 -12.93 -2.56 -20.26
C GLN A 447 -11.66 -1.69 -20.18
N GLU A 448 -11.77 -0.51 -19.59
CA GLU A 448 -10.60 0.37 -19.46
C GLU A 448 -9.62 -0.13 -18.38
N TRP A 449 -10.15 -0.87 -17.40
CA TRP A 449 -9.30 -1.45 -16.37
C TRP A 449 -8.41 -2.52 -16.97
N TRP A 450 -8.99 -3.34 -17.82
CA TRP A 450 -8.22 -4.37 -18.43
C TRP A 450 -7.31 -3.82 -19.54
N SER A 451 -7.72 -2.70 -20.15
CA SER A 451 -6.89 -2.08 -21.16
C SER A 451 -5.55 -1.68 -20.53
N LEU A 452 -5.66 -1.17 -19.31
CA LEU A 452 -4.47 -0.75 -18.56
C LEU A 452 -3.72 -1.94 -17.99
N ARG A 453 -4.46 -2.98 -17.59
CA ARG A 453 -3.84 -4.19 -17.06
C ARG A 453 -2.94 -4.77 -18.16
N LEU A 454 -3.42 -4.69 -19.40
CA LEU A 454 -2.67 -5.15 -20.54
C LEU A 454 -1.53 -4.19 -20.86
N LYS A 455 -1.85 -2.91 -21.04
CA LYS A 455 -0.83 -1.93 -21.39
C LYS A 455 0.38 -1.86 -20.43
N TYR A 456 0.12 -1.81 -19.13
CA TYR A 456 1.19 -1.70 -18.14
C TYR A 456 1.77 -3.02 -17.60
N GLN A 457 0.91 -3.97 -17.24
CA GLN A 457 1.39 -5.23 -16.67
C GLN A 457 1.57 -6.37 -17.66
N GLY A 458 0.97 -6.26 -18.84
CA GLY A 458 1.07 -7.31 -19.82
C GLY A 458 0.30 -8.53 -19.36
N LEU A 459 -0.87 -8.31 -18.79
CA LEU A 459 -1.72 -9.41 -18.33
C LEU A 459 -3.05 -9.41 -19.06
N CYS A 460 -3.71 -10.55 -19.04
CA CYS A 460 -5.02 -10.64 -19.67
C CYS A 460 -5.90 -11.42 -18.69
N PRO A 461 -7.20 -11.28 -18.82
CA PRO A 461 -8.10 -12.00 -17.91
C PRO A 461 -8.20 -13.45 -18.39
N PRO A 462 -8.12 -14.43 -17.46
CA PRO A 462 -8.21 -15.84 -17.85
C PRO A 462 -9.59 -16.17 -18.42
N VAL A 463 -10.58 -15.36 -18.05
CA VAL A 463 -11.95 -15.53 -18.51
C VAL A 463 -12.42 -14.20 -19.07
N PRO A 464 -12.90 -14.18 -20.31
CA PRO A 464 -13.36 -12.91 -20.86
C PRO A 464 -14.37 -12.26 -19.92
N ARG A 465 -14.23 -10.95 -19.71
CA ARG A 465 -15.11 -10.23 -18.81
C ARG A 465 -16.45 -9.94 -19.46
N THR A 466 -17.50 -9.85 -18.64
CA THR A 466 -18.83 -9.61 -19.16
C THR A 466 -19.47 -8.41 -18.48
N GLN A 467 -20.61 -8.00 -19.01
CA GLN A 467 -21.31 -6.86 -18.44
C GLN A 467 -21.76 -7.22 -17.05
N GLY A 468 -21.59 -6.30 -16.12
CA GLY A 468 -21.96 -6.58 -14.74
C GLY A 468 -20.68 -6.77 -13.95
N ASP A 469 -19.61 -7.15 -14.63
CA ASP A 469 -18.33 -7.33 -13.96
C ASP A 469 -17.73 -5.98 -13.64
N PHE A 470 -17.06 -5.93 -12.50
CA PHE A 470 -16.41 -4.71 -12.06
C PHE A 470 -15.23 -5.19 -11.24
N ASP A 471 -14.22 -5.64 -11.97
CA ASP A 471 -13.02 -6.19 -11.36
C ASP A 471 -12.27 -5.22 -10.43
N PRO A 472 -12.30 -3.90 -10.71
CA PRO A 472 -11.58 -2.99 -9.79
C PRO A 472 -12.14 -3.12 -8.37
N GLY A 473 -13.43 -3.40 -8.27
CA GLY A 473 -14.06 -3.52 -6.98
C GLY A 473 -13.52 -4.67 -6.14
N ALA A 474 -12.94 -5.67 -6.80
CA ALA A 474 -12.38 -6.85 -6.13
C ALA A 474 -11.03 -6.56 -5.46
N LYS A 475 -10.59 -5.32 -5.57
CA LYS A 475 -9.33 -4.90 -4.98
C LYS A 475 -9.65 -3.95 -3.82
N PHE A 476 -9.15 -4.24 -2.64
CA PHE A 476 -9.47 -3.47 -1.42
C PHE A 476 -9.52 -1.96 -1.51
N HIS A 477 -8.45 -1.39 -2.01
CA HIS A 477 -8.35 0.06 -2.09
C HIS A 477 -9.43 0.81 -2.89
N ILE A 478 -10.11 0.11 -3.80
CA ILE A 478 -11.16 0.72 -4.62
C ILE A 478 -12.45 0.94 -3.77
N PRO A 479 -13.08 -0.13 -3.22
CA PRO A 479 -14.28 0.15 -2.43
C PRO A 479 -13.96 0.91 -1.14
N SER A 480 -12.74 0.76 -0.64
CA SER A 480 -12.35 1.50 0.58
C SER A 480 -11.92 2.93 0.30
N SER A 481 -11.82 3.29 -0.98
CA SER A 481 -11.42 4.63 -1.39
C SER A 481 -10.12 5.12 -0.76
N VAL A 482 -9.08 4.29 -0.84
CA VAL A 482 -7.75 4.62 -0.35
C VAL A 482 -6.90 4.83 -1.60
N PRO A 483 -6.33 6.04 -1.74
CA PRO A 483 -5.50 6.37 -2.92
C PRO A 483 -4.40 5.32 -3.07
N TYR A 484 -4.03 5.00 -4.30
CA TYR A 484 -3.02 3.98 -4.52
C TYR A 484 -1.63 4.45 -4.99
N ILE A 485 -1.57 5.56 -5.72
CA ILE A 485 -0.29 6.04 -6.21
C ILE A 485 0.82 6.12 -5.15
N ARG A 486 0.48 6.21 -3.86
CA ARG A 486 1.43 6.27 -2.76
C ARG A 486 2.33 5.00 -2.77
N TYR A 487 1.76 3.86 -3.20
CA TYR A 487 2.49 2.60 -3.24
C TYR A 487 3.54 2.55 -4.37
N PHE A 488 3.26 3.26 -5.45
CA PHE A 488 4.17 3.32 -6.58
C PHE A 488 5.33 4.16 -6.12
N VAL A 489 5.03 5.34 -5.54
CA VAL A 489 6.05 6.26 -5.01
C VAL A 489 6.88 5.52 -3.95
N SER A 490 6.21 4.82 -3.05
CA SER A 490 6.89 4.07 -1.99
C SER A 490 7.94 3.12 -2.53
N PHE A 491 7.58 2.32 -3.52
CA PHE A 491 8.52 1.35 -4.07
C PHE A 491 9.77 1.98 -4.71
N ILE A 492 9.62 3.16 -5.34
CA ILE A 492 10.76 3.83 -5.96
C ILE A 492 11.66 4.41 -4.86
N ILE A 493 11.07 5.21 -3.97
CA ILE A 493 11.83 5.85 -2.90
C ILE A 493 12.38 4.93 -1.78
N GLN A 494 11.73 3.80 -1.49
CA GLN A 494 12.25 2.94 -0.46
C GLN A 494 13.64 2.42 -0.83
N PHE A 495 13.89 2.29 -2.13
CA PHE A 495 15.21 1.84 -2.55
C PHE A 495 16.20 2.98 -2.42
N GLN A 496 15.73 4.21 -2.65
CA GLN A 496 16.60 5.38 -2.47
C GLN A 496 16.97 5.50 -0.97
N PHE A 497 16.00 5.23 -0.10
CA PHE A 497 16.24 5.30 1.35
C PHE A 497 17.20 4.17 1.74
N HIS A 498 16.97 2.97 1.21
CA HIS A 498 17.84 1.83 1.50
C HIS A 498 19.30 2.15 1.13
N GLU A 499 19.51 2.65 -0.08
CA GLU A 499 20.83 3.05 -0.55
C GLU A 499 21.51 4.11 0.36
N ALA A 500 20.77 5.17 0.69
CA ALA A 500 21.31 6.21 1.53
C ALA A 500 21.64 5.72 2.93
N LEU A 501 20.72 4.94 3.50
CA LEU A 501 20.89 4.42 4.84
C LEU A 501 22.07 3.45 4.92
N CYS A 502 22.26 2.67 3.86
CA CYS A 502 23.36 1.72 3.79
C CYS A 502 24.68 2.45 3.71
N GLN A 503 24.66 3.52 2.91
CA GLN A 503 25.86 4.32 2.79
C GLN A 503 26.16 4.81 4.20
N ALA A 504 25.20 5.52 4.78
CA ALA A 504 25.35 6.06 6.13
C ALA A 504 25.92 5.02 7.11
N ALA A 505 25.43 3.79 7.00
CA ALA A 505 25.84 2.66 7.85
C ALA A 505 27.24 2.12 7.58
N GLY A 506 27.88 2.61 6.51
CA GLY A 506 29.21 2.16 6.11
C GLY A 506 29.27 0.88 5.27
N HIS A 507 28.15 0.51 4.64
CA HIS A 507 28.13 -0.70 3.83
C HIS A 507 28.89 -0.46 2.54
N THR A 508 29.65 -1.47 2.12
CA THR A 508 30.39 -1.41 0.87
C THR A 508 30.01 -2.69 0.16
N GLY A 509 30.21 -2.73 -1.14
CA GLY A 509 29.83 -3.92 -1.89
C GLY A 509 28.44 -3.73 -2.47
N PRO A 510 27.89 -4.75 -3.15
CA PRO A 510 26.57 -4.70 -3.79
C PRO A 510 25.49 -4.23 -2.81
N LEU A 511 24.65 -3.31 -3.28
CA LEU A 511 23.57 -2.77 -2.45
C LEU A 511 22.63 -3.85 -1.91
N HIS A 512 22.32 -4.87 -2.71
CA HIS A 512 21.39 -5.91 -2.26
C HIS A 512 21.89 -6.76 -1.08
N LYS A 513 23.16 -6.63 -0.75
CA LYS A 513 23.73 -7.39 0.37
C LYS A 513 23.69 -6.60 1.68
N CYS A 514 23.20 -5.36 1.63
CA CYS A 514 23.15 -4.51 2.81
C CYS A 514 22.08 -4.85 3.82
N ASP A 515 22.45 -4.78 5.10
CA ASP A 515 21.52 -5.02 6.20
C ASP A 515 21.82 -3.93 7.23
N ILE A 516 20.90 -2.98 7.34
CA ILE A 516 21.07 -1.87 8.27
C ILE A 516 20.76 -2.14 9.73
N TYR A 517 20.54 -3.40 10.10
CA TYR A 517 20.24 -3.71 11.49
C TYR A 517 21.26 -3.11 12.45
N GLN A 518 20.74 -2.49 13.51
CA GLN A 518 21.48 -1.84 14.59
C GLN A 518 22.23 -0.56 14.22
N SER A 519 22.04 -0.06 13.01
CA SER A 519 22.71 1.16 12.58
C SER A 519 22.07 2.41 13.15
N LYS A 520 22.79 3.09 14.05
CA LYS A 520 22.27 4.29 14.67
C LYS A 520 22.33 5.45 13.68
N GLU A 521 23.28 5.40 12.76
CA GLU A 521 23.38 6.48 11.78
C GLU A 521 22.15 6.45 10.85
N ALA A 522 21.67 5.26 10.53
CA ALA A 522 20.50 5.14 9.66
C ALA A 522 19.27 5.64 10.43
N GLY A 523 19.05 5.08 11.60
CA GLY A 523 17.89 5.49 12.41
C GLY A 523 17.84 6.99 12.58
N GLN A 524 19.00 7.65 12.60
CA GLN A 524 19.03 9.11 12.75
C GLN A 524 18.47 9.90 11.59
N ARG A 525 18.70 9.42 10.38
CA ARG A 525 18.21 10.10 9.19
C ARG A 525 16.73 9.92 9.09
N LEU A 526 16.29 8.68 9.29
CA LEU A 526 14.85 8.42 9.23
C LEU A 526 14.17 9.25 10.32
N ALA A 527 14.70 9.25 11.56
CA ALA A 527 14.04 10.02 12.61
C ALA A 527 13.91 11.51 12.31
N THR A 528 14.99 12.12 11.85
CA THR A 528 15.00 13.55 11.54
C THR A 528 13.96 13.85 10.46
N ALA A 529 13.88 13.01 9.42
CA ALA A 529 12.91 13.20 8.35
C ALA A 529 11.47 12.96 8.82
N MET A 530 11.25 11.89 9.57
CA MET A 530 9.91 11.59 10.05
C MET A 530 9.35 12.66 11.00
N LYS A 531 10.23 13.27 11.80
CA LYS A 531 9.82 14.28 12.77
C LYS A 531 9.24 15.50 12.09
N LEU A 532 9.60 15.72 10.83
CA LEU A 532 9.08 16.86 10.08
C LEU A 532 7.59 16.73 9.77
N GLY A 533 7.09 15.50 9.77
CA GLY A 533 5.69 15.29 9.44
C GLY A 533 5.40 15.95 8.11
N PHE A 534 4.30 16.67 8.05
CA PHE A 534 3.89 17.33 6.82
C PHE A 534 4.16 18.82 6.99
N SER A 535 5.11 19.18 7.87
CA SER A 535 5.46 20.58 8.12
C SER A 535 6.25 21.30 7.01
N ARG A 536 6.89 20.53 6.12
CA ARG A 536 7.69 21.11 5.02
C ARG A 536 7.37 20.31 3.75
N PRO A 537 7.64 20.92 2.59
CA PRO A 537 7.38 20.24 1.31
C PRO A 537 8.30 19.01 1.30
N TRP A 538 7.84 17.90 0.72
CA TRP A 538 8.57 16.64 0.84
C TRP A 538 10.01 16.58 0.36
N PRO A 539 10.43 17.42 -0.60
CA PRO A 539 11.83 17.34 -1.04
C PRO A 539 12.85 17.60 0.09
N GLU A 540 12.40 18.29 1.13
CA GLU A 540 13.26 18.58 2.28
C GLU A 540 13.50 17.27 3.06
N ALA A 541 12.46 16.45 3.21
CA ALA A 541 12.61 15.18 3.90
C ALA A 541 13.44 14.24 3.02
N MET A 542 13.22 14.31 1.71
CA MET A 542 13.97 13.49 0.77
C MET A 542 15.46 13.82 0.87
N GLN A 543 15.74 15.12 1.00
CA GLN A 543 17.09 15.66 1.12
C GLN A 543 17.76 15.17 2.42
N LEU A 544 17.02 15.21 3.52
CA LEU A 544 17.53 14.78 4.82
C LEU A 544 17.95 13.32 4.85
N ILE A 545 17.22 12.47 4.13
CA ILE A 545 17.53 11.04 4.11
C ILE A 545 18.61 10.66 3.09
N THR A 546 18.49 11.20 1.87
CA THR A 546 19.37 10.83 0.76
C THR A 546 20.45 11.82 0.33
N GLY A 547 20.42 13.03 0.85
CA GLY A 547 21.41 14.01 0.47
C GLY A 547 21.04 14.69 -0.84
N GLN A 548 19.86 14.40 -1.33
CA GLN A 548 19.36 15.04 -2.54
C GLN A 548 17.81 15.11 -2.43
N PRO A 549 17.19 16.02 -3.21
CA PRO A 549 15.73 16.34 -3.21
C PRO A 549 14.79 15.58 -4.16
N GLN A 550 15.31 14.80 -5.08
CA GLN A 550 14.41 14.14 -6.07
C GLN A 550 14.08 12.67 -5.90
N MET A 551 12.96 12.28 -6.50
CA MET A 551 12.59 10.90 -6.57
C MET A 551 13.44 10.37 -7.73
N SER A 552 13.99 9.17 -7.58
CA SER A 552 14.83 8.62 -8.64
C SER A 552 14.79 7.10 -8.65
N ALA A 553 14.77 6.51 -9.84
CA ALA A 553 14.74 5.06 -9.98
C ALA A 553 16.14 4.45 -9.95
N SER A 554 17.17 5.30 -9.91
CA SER A 554 18.54 4.79 -9.93
C SER A 554 18.92 3.82 -8.81
N ALA A 555 18.48 4.07 -7.58
CA ALA A 555 18.79 3.16 -6.49
C ALA A 555 18.18 1.77 -6.72
N MET A 556 16.92 1.72 -7.16
CA MET A 556 16.26 0.45 -7.43
C MET A 556 16.96 -0.27 -8.59
N LEU A 557 17.32 0.50 -9.62
CA LEU A 557 18.03 -0.08 -10.77
C LEU A 557 19.39 -0.66 -10.32
N SER A 558 20.10 0.08 -9.49
CA SER A 558 21.39 -0.38 -8.99
C SER A 558 21.23 -1.65 -8.13
N TYR A 559 20.24 -1.66 -7.24
CA TYR A 559 19.95 -2.83 -6.41
C TYR A 559 19.80 -4.08 -7.28
N PHE A 560 19.03 -3.96 -8.36
CA PHE A 560 18.74 -5.07 -9.25
C PHE A 560 19.62 -5.26 -10.50
N LYS A 561 20.70 -4.48 -10.63
CA LYS A 561 21.60 -4.57 -11.78
C LYS A 561 22.08 -5.99 -12.08
N PRO A 562 22.64 -6.70 -11.07
CA PRO A 562 23.08 -8.06 -11.40
C PRO A 562 21.94 -8.90 -11.98
N LEU A 563 20.73 -8.73 -11.47
CA LEU A 563 19.62 -9.53 -11.98
C LEU A 563 19.24 -9.11 -13.40
N LEU A 564 19.33 -7.82 -13.71
CA LEU A 564 18.99 -7.36 -15.05
C LEU A 564 19.95 -7.98 -16.05
N ASP A 565 21.23 -8.04 -15.67
CA ASP A 565 22.25 -8.64 -16.52
C ASP A 565 21.95 -10.13 -16.73
N TRP A 566 21.58 -10.83 -15.66
CA TRP A 566 21.28 -12.25 -15.77
C TRP A 566 20.04 -12.49 -16.63
N LEU A 567 19.01 -11.68 -16.43
CA LEU A 567 17.77 -11.79 -17.19
C LEU A 567 17.98 -11.56 -18.70
N ARG A 568 18.80 -10.57 -19.03
CA ARG A 568 19.07 -10.28 -20.43
C ARG A 568 19.80 -11.45 -21.09
N THR A 569 20.77 -12.02 -20.39
CA THR A 569 21.50 -13.16 -20.92
C THR A 569 20.56 -14.37 -21.07
N GLU A 570 19.79 -14.64 -20.03
CA GLU A 570 18.85 -15.78 -20.03
C GLU A 570 17.77 -15.65 -21.11
N ASN A 571 17.12 -14.49 -21.16
CA ASN A 571 16.08 -14.25 -22.17
C ASN A 571 16.62 -14.28 -23.59
N GLU A 572 17.77 -13.66 -23.83
CA GLU A 572 18.32 -13.67 -25.18
C GLU A 572 18.76 -15.09 -25.67
N LEU A 573 19.20 -15.95 -24.76
CA LEU A 573 19.61 -17.28 -25.20
C LEU A 573 18.39 -18.12 -25.54
N HIS A 574 17.23 -17.75 -24.97
CA HIS A 574 15.96 -18.44 -25.19
C HIS A 574 15.12 -17.74 -26.26
N GLY A 575 15.69 -16.68 -26.84
CA GLY A 575 15.07 -15.90 -27.89
C GLY A 575 13.73 -15.27 -27.54
N GLU A 576 13.59 -14.78 -26.31
CA GLU A 576 12.33 -14.19 -25.92
C GLU A 576 12.07 -12.86 -26.62
N LYS A 577 10.82 -12.68 -27.04
CA LYS A 577 10.36 -11.44 -27.64
C LYS A 577 9.81 -10.63 -26.47
N LEU A 578 10.55 -9.62 -26.02
CA LEU A 578 10.14 -8.79 -24.88
C LEU A 578 8.83 -8.06 -25.13
N GLY A 579 8.00 -7.96 -24.10
CA GLY A 579 6.72 -7.29 -24.31
C GLY A 579 5.67 -8.28 -24.75
N TRP A 580 4.54 -7.77 -25.22
CA TRP A 580 3.47 -8.62 -25.66
C TRP A 580 2.86 -8.05 -26.94
N PRO A 581 3.62 -8.12 -28.06
CA PRO A 581 3.17 -7.60 -29.36
C PRO A 581 1.84 -8.19 -29.81
C1 NAG B . 6.22 30.10 12.98
C2 NAG B . 7.57 30.43 13.64
C3 NAG B . 8.20 29.12 14.16
C4 NAG B . 7.20 28.25 14.95
C5 NAG B . 5.83 28.15 14.29
C6 NAG B . 4.78 27.56 15.20
C7 NAG B . 8.83 32.32 12.80
C8 NAG B . 9.18 33.03 11.50
N2 NAG B . 8.50 31.03 12.70
O3 NAG B . 9.31 29.44 15.01
O4 NAG B . 7.74 26.92 15.03
O5 NAG B . 5.35 29.46 13.91
O6 NAG B . 4.75 28.26 16.46
O7 NAG B . 8.86 32.94 13.87
C1 NAG B . 8.02 26.48 16.29
C2 NAG B . 8.13 24.95 16.26
C3 NAG B . 8.52 24.46 17.66
C4 NAG B . 9.77 25.16 18.18
C5 NAG B . 9.64 26.70 18.06
C6 NAG B . 10.94 27.43 18.39
C7 NAG B . 6.58 24.06 14.60
C8 NAG B . 5.14 23.70 14.30
N2 NAG B . 6.87 24.36 15.87
O3 NAG B . 8.73 23.05 17.59
O4 NAG B . 9.97 24.81 19.55
O5 NAG B . 9.26 27.08 16.70
O6 NAG B . 11.80 27.54 17.25
O7 NAG B . 7.43 24.05 13.69
C1 FUC B . 3.86 27.65 17.34
C2 FUC B . 3.98 28.28 18.74
C3 FUC B . 3.32 29.67 18.80
C4 FUC B . 1.89 29.61 18.25
C5 FUC B . 1.97 29.04 16.82
C6 FUC B . 0.61 28.97 16.12
O2 FUC B . 5.36 28.39 19.09
O3 FUC B . 3.31 30.13 20.15
O4 FUC B . 1.09 28.75 19.06
O5 FUC B . 2.51 27.71 16.87
ZN ZN C . 0.84 1.26 4.29
CL CL D . -8.39 -7.77 -11.77
CL CL E . -1.53 8.93 -2.59
C LSW F . -1.52 0.21 4.01
N LSW F . -2.49 -2.03 3.83
O LSW F . -1.15 1.17 3.31
CA LSW F . -2.72 -0.62 3.55
CB LSW F . -3.99 -0.14 4.26
NAA LSW F . -1.92 -8.78 3.89
OAC LSW F . -2.20 -3.56 -2.10
OAD LSW F . -2.60 -2.23 1.16
OAF LSW F . -1.59 -4.75 -0.34
CAG LSW F . -7.81 2.89 5.84
CAH LSW F . -6.80 3.74 5.41
CAI LSW F . -7.69 1.52 5.64
CAJ LSW F . 3.81 -5.72 2.03
CAK LSW F . 2.61 -6.13 1.42
CAL LSW F . -5.67 3.22 4.78
CAM LSW F . -6.57 1.00 5.01
CAN LSW F . 4.34 -4.47 1.80
CAO LSW F . 1.91 -5.28 0.56
CAP LSW F . 2.92 -1.90 -0.31
CAQ LSW F . -1.97 -7.60 2.97
CAR LSW F . -1.20 -6.40 3.53
CAS LSW F . -1.82 -5.03 3.14
CAT LSW F . -4.34 1.29 3.84
CAU LSW F . -0.88 -3.89 3.59
CAW LSW F . 0.79 -2.86 -1.34
NAX LSW F . -0.40 -2.61 0.84
CBB LSW F . -1.53 -3.73 -1.05
CBC LSW F . -1.48 -2.43 1.62
CBD LSW F . -5.56 1.85 4.58
CBE LSW F . 1.98 -2.89 -0.48
CBF LSW F . 3.64 -3.62 0.95
CBG LSW F . 2.42 -4.00 0.32
CBI LSW F . -1.28 -2.47 3.14
CBJ LSW F . -0.55 -2.62 -0.62
OXT LSW F . -0.96 -0.09 5.08
NXZ LSW F . 3.92 -2.34 0.56
#